data_6D4Q
#
_entry.id   6D4Q
#
_cell.length_a   89.550
_cell.length_b   89.550
_cell.length_c   84.980
_cell.angle_alpha   90.00
_cell.angle_beta   90.00
_cell.angle_gamma   90.00
#
_symmetry.space_group_name_H-M   'I 4'
#
loop_
_entity.id
_entity.type
_entity.pdbx_description
1 polymer "Inosine-5'-monophosphate dehydrogenase,Inosine-5'-monophosphate dehydrogenase"
2 non-polymer 'INOSINIC ACID'
3 non-polymer cycloheptyl{4-[(isoquinolin-5-yl)sulfonyl]piperazin-1-yl}methanone
4 water water
#
_entity_poly.entity_id   1
_entity_poly.type   'polypeptide(L)'
_entity_poly.pdbx_seq_one_letter_code
;GSSIAERSVPIAVPVPTGGDDPTKIAMLGLTFDDVLLLPAASDVLPANADTSSQLTKKIRLKVPLVSSAMDTVTEARMAI
AMARAGGMGVLHRNLPVAEQAAQVETVKRSGGLLVGAAVGVGDDAWERAMALRDAGVDVLVVDTAHAHNRKVLDMVHRLK
TTVGDEIEVVGGNVATRAAAAALVEAGADAVKVGVGPGSICTTRVVAGVGAPQITAILEAVAACAPHGVPVIADGGLQYS
GDIAKALAAGASTAMLGSLLAGTAESPGELILVNGKQFKSYRGMGSLGAMQGRGGAKSYSKDRYFQDDALSEDKLVPEGI
EGRVPFRGPLSTVIHQLVGGLRAAMGYTGSATIEELQQAQFVQITAAGLKESHPHDITMTVEAPNYYAR
;
_entity_poly.pdbx_strand_id   A
#
# COMPACT_ATOMS: atom_id res chain seq x y z
N VAL A 15 31.03 6.41 -20.39
CA VAL A 15 29.91 5.64 -19.85
C VAL A 15 29.21 4.93 -21.00
N PRO A 16 28.98 3.61 -20.85
CA PRO A 16 28.48 2.79 -21.97
C PRO A 16 27.12 3.25 -22.53
N THR A 17 26.29 3.89 -21.70
CA THR A 17 24.97 4.34 -22.17
C THR A 17 24.96 5.81 -22.60
N GLY A 18 26.08 6.49 -22.47
CA GLY A 18 26.20 7.83 -23.00
C GLY A 18 26.57 8.90 -22.00
N GLY A 19 27.30 9.91 -22.48
CA GLY A 19 27.72 10.99 -21.58
C GLY A 19 28.95 10.58 -20.80
N ASP A 20 29.39 11.44 -19.88
CA ASP A 20 30.57 11.12 -19.08
C ASP A 20 30.26 10.96 -17.58
N ASP A 21 28.98 11.03 -17.24
CA ASP A 21 28.57 11.01 -15.84
C ASP A 21 27.90 9.68 -15.49
N PRO A 22 28.59 8.85 -14.68
CA PRO A 22 28.10 7.53 -14.31
C PRO A 22 26.89 7.58 -13.39
N THR A 23 26.64 8.73 -12.77
CA THR A 23 25.51 8.84 -11.86
C THR A 23 24.23 9.30 -12.56
N LYS A 24 24.32 9.66 -13.84
CA LYS A 24 23.17 10.17 -14.58
C LYS A 24 22.08 9.12 -14.62
N ILE A 25 22.47 7.90 -14.97
CA ILE A 25 21.58 6.76 -14.80
C ILE A 25 22.00 6.07 -13.51
N ALA A 26 21.19 6.28 -12.48
CA ALA A 26 21.58 6.00 -11.09
C ALA A 26 21.47 4.54 -10.68
N MET A 27 20.58 3.79 -11.33
CA MET A 27 20.26 2.42 -10.94
C MET A 27 19.59 1.66 -12.07
N LEU A 28 19.53 0.33 -11.93
CA LEU A 28 18.74 -0.52 -12.81
C LEU A 28 17.53 -0.92 -12.00
N GLY A 29 16.35 -0.50 -12.43
CA GLY A 29 15.16 -0.68 -11.61
C GLY A 29 14.42 -1.95 -11.96
N LEU A 30 14.28 -2.85 -10.99
CA LEU A 30 13.48 -4.07 -11.16
C LEU A 30 12.06 -3.93 -10.63
N THR A 31 11.12 -4.50 -11.38
CA THR A 31 9.74 -4.60 -10.95
C THR A 31 9.45 -6.05 -10.54
N PHE A 32 8.23 -6.33 -10.09
CA PHE A 32 7.90 -7.66 -9.60
C PHE A 32 8.16 -8.76 -10.63
N ASP A 33 7.77 -8.51 -11.88
CA ASP A 33 7.94 -9.52 -12.93
C ASP A 33 9.41 -9.85 -13.26
N ASP A 34 10.36 -9.03 -12.75
CA ASP A 34 11.79 -9.24 -13.00
C ASP A 34 12.42 -10.28 -12.10
N VAL A 35 11.75 -10.68 -11.03
CA VAL A 35 12.36 -11.56 -10.04
C VAL A 35 11.44 -12.71 -9.66
N LEU A 36 12.03 -13.79 -9.18
CA LEU A 36 11.31 -14.88 -8.51
C LEU A 36 12.00 -15.16 -7.19
N LEU A 37 11.23 -15.65 -6.23
CA LEU A 37 11.78 -16.13 -4.97
C LEU A 37 12.40 -17.49 -5.14
N LEU A 38 13.60 -17.64 -4.59
CA LEU A 38 14.26 -18.92 -4.56
C LEU A 38 13.76 -19.78 -3.41
N PRO A 39 13.47 -21.05 -3.68
CA PRO A 39 13.17 -21.96 -2.57
C PRO A 39 14.38 -22.09 -1.66
N ALA A 40 14.17 -22.43 -0.40
CA ALA A 40 15.27 -22.61 0.54
C ALA A 40 14.89 -23.74 1.48
N ALA A 41 15.84 -24.22 2.27
CA ALA A 41 15.54 -25.28 3.22
C ALA A 41 14.32 -24.92 4.07
N SER A 42 13.37 -25.85 4.18
CA SER A 42 12.12 -25.52 4.87
C SER A 42 11.60 -26.61 5.79
N ASP A 43 11.22 -26.20 7.00
CA ASP A 43 10.40 -27.05 7.87
C ASP A 43 9.00 -26.46 8.06
N VAL A 44 8.67 -25.45 7.26
CA VAL A 44 7.44 -24.67 7.43
C VAL A 44 6.25 -25.20 6.61
N LEU A 45 5.19 -25.59 7.29
CA LEU A 45 3.96 -25.96 6.60
C LEU A 45 3.18 -24.68 6.32
N PRO A 46 2.69 -24.51 5.07
CA PRO A 46 1.92 -23.31 4.74
C PRO A 46 0.81 -23.01 5.75
N ALA A 47 0.06 -24.04 6.16
CA ALA A 47 -1.06 -23.82 7.08
C ALA A 47 -0.62 -23.28 8.44
N ASN A 48 0.63 -23.57 8.81
CA ASN A 48 1.18 -23.15 10.10
C ASN A 48 2.04 -21.88 10.08
N ALA A 49 2.31 -21.33 8.89
CA ALA A 49 3.09 -20.11 8.81
C ALA A 49 2.38 -18.98 9.56
N ASP A 50 3.17 -18.10 10.19
CA ASP A 50 2.62 -16.94 10.88
C ASP A 50 2.62 -15.77 9.90
N THR A 51 1.44 -15.33 9.47
CA THR A 51 1.36 -14.25 8.49
C THR A 51 1.29 -12.84 9.10
N SER A 52 1.38 -12.73 10.42
CA SER A 52 1.24 -11.41 11.05
C SER A 52 2.43 -10.51 10.72
N SER A 53 2.19 -9.20 10.66
CA SER A 53 3.27 -8.29 10.33
C SER A 53 2.97 -6.88 10.82
N GLN A 54 4.00 -6.07 10.99
CA GLN A 54 3.80 -4.69 11.44
C GLN A 54 3.25 -3.82 10.30
N LEU A 55 2.11 -3.20 10.54
CA LEU A 55 1.64 -2.12 9.68
C LEU A 55 2.40 -0.84 10.00
N THR A 56 2.57 -0.57 11.30
CA THR A 56 3.32 0.59 11.77
C THR A 56 4.21 0.14 12.92
N LYS A 57 4.94 1.06 13.53
CA LYS A 57 5.78 0.68 14.67
C LYS A 57 4.98 -0.05 15.78
N LYS A 58 3.75 0.39 16.02
CA LYS A 58 2.96 -0.18 17.12
C LYS A 58 1.91 -1.19 16.70
N ILE A 59 1.37 -1.04 15.49
CA ILE A 59 0.23 -1.85 15.08
C ILE A 59 0.66 -3.06 14.25
N ARG A 60 0.35 -4.25 14.74
CA ARG A 60 0.59 -5.49 14.03
C ARG A 60 -0.74 -6.02 13.50
N LEU A 61 -0.75 -6.45 12.24
CA LEU A 61 -1.93 -7.03 11.60
C LEU A 61 -1.77 -8.55 11.55
N LYS A 62 -2.88 -9.29 11.55
CA LYS A 62 -2.83 -10.74 11.41
C LYS A 62 -2.53 -11.15 9.97
N VAL A 63 -2.99 -10.33 9.02
CA VAL A 63 -2.62 -10.53 7.62
CA VAL A 63 -2.74 -10.50 7.59
C VAL A 63 -2.09 -9.21 7.07
N PRO A 64 -0.96 -9.30 6.35
CA PRO A 64 -0.18 -8.09 6.03
C PRO A 64 -0.69 -7.34 4.83
N LEU A 65 -1.97 -7.04 4.83
CA LEU A 65 -2.61 -6.42 3.67
C LEU A 65 -3.51 -5.26 4.06
N VAL A 66 -3.40 -4.15 3.35
N VAL A 66 -3.42 -4.18 3.28
CA VAL A 66 -4.32 -3.03 3.55
CA VAL A 66 -4.22 -2.97 3.48
C VAL A 66 -4.93 -2.61 2.21
C VAL A 66 -4.93 -2.62 2.18
N SER A 67 -6.15 -2.08 2.25
CA SER A 67 -6.82 -1.68 1.01
C SER A 67 -6.54 -0.21 0.70
N SER A 68 -6.38 0.09 -0.60
CA SER A 68 -6.03 1.43 -1.06
C SER A 68 -7.05 2.51 -0.67
N ALA A 69 -6.57 3.71 -0.42
CA ALA A 69 -7.43 4.85 -0.11
C ALA A 69 -7.96 5.46 -1.41
N MET A 70 -8.88 4.73 -2.04
CA MET A 70 -9.41 5.11 -3.34
C MET A 70 -10.92 5.01 -3.30
N ASP A 71 -11.61 5.87 -4.05
CA ASP A 71 -13.07 5.89 -3.92
C ASP A 71 -13.77 4.76 -4.69
N THR A 72 -13.00 3.92 -5.39
CA THR A 72 -13.58 2.69 -5.94
C THR A 72 -13.03 1.45 -5.22
N VAL A 73 -12.37 1.67 -4.07
CA VAL A 73 -11.88 0.54 -3.28
C VAL A 73 -12.33 0.54 -1.83
N THR A 74 -12.07 1.62 -1.09
CA THR A 74 -12.31 1.57 0.36
C THR A 74 -13.24 2.64 0.94
N GLU A 75 -14.46 2.22 1.25
CA GLU A 75 -15.31 2.98 2.16
C GLU A 75 -15.61 2.11 3.37
N ALA A 76 -16.65 2.42 4.12
CA ALA A 76 -16.83 1.75 5.41
C ALA A 76 -16.98 0.24 5.26
N ARG A 77 -17.71 -0.21 4.25
CA ARG A 77 -17.98 -1.63 4.07
C ARG A 77 -16.69 -2.41 3.83
N MET A 78 -15.83 -1.87 2.98
CA MET A 78 -14.52 -2.48 2.72
C MET A 78 -13.65 -2.46 3.97
N ALA A 79 -13.61 -1.34 4.68
CA ALA A 79 -12.77 -1.23 5.88
C ALA A 79 -13.18 -2.26 6.92
N ILE A 80 -14.48 -2.43 7.10
CA ILE A 80 -14.97 -3.43 8.05
C ILE A 80 -14.55 -4.83 7.62
N ALA A 81 -14.76 -5.16 6.35
CA ALA A 81 -14.41 -6.49 5.85
C ALA A 81 -12.90 -6.77 5.95
N MET A 82 -12.08 -5.78 5.59
CA MET A 82 -10.63 -5.92 5.71
C MET A 82 -10.18 -6.18 7.15
N ALA A 83 -10.75 -5.44 8.09
CA ALA A 83 -10.37 -5.60 9.49
C ALA A 83 -10.77 -6.98 10.00
N ARG A 84 -11.98 -7.40 9.66
CA ARG A 84 -12.45 -8.75 10.01
C ARG A 84 -11.59 -9.85 9.41
N ALA A 85 -11.08 -9.62 8.22
CA ALA A 85 -10.17 -10.58 7.58
C ALA A 85 -8.76 -10.57 8.16
N GLY A 86 -8.47 -9.62 9.05
CA GLY A 86 -7.18 -9.56 9.72
C GLY A 86 -6.26 -8.47 9.20
N GLY A 87 -6.74 -7.72 8.21
CA GLY A 87 -5.98 -6.63 7.65
C GLY A 87 -6.55 -5.29 8.08
N MET A 88 -6.47 -4.29 7.20
CA MET A 88 -7.04 -3.00 7.52
C MET A 88 -7.44 -2.26 6.25
N GLY A 89 -8.41 -1.37 6.36
CA GLY A 89 -8.74 -0.49 5.25
C GLY A 89 -8.25 0.92 5.52
N VAL A 90 -7.95 1.66 4.45
CA VAL A 90 -7.65 3.08 4.60
C VAL A 90 -8.73 3.84 3.84
N LEU A 91 -9.59 4.52 4.58
CA LEU A 91 -10.69 5.28 3.97
C LEU A 91 -10.20 6.40 3.08
N HIS A 92 -10.75 6.48 1.87
CA HIS A 92 -10.35 7.52 0.93
C HIS A 92 -10.85 8.89 1.43
N ARG A 93 -10.27 9.95 0.88
CA ARG A 93 -10.56 11.30 1.33
C ARG A 93 -11.20 12.19 0.25
N ASN A 94 -11.77 11.56 -0.78
CA ASN A 94 -12.44 12.27 -1.87
C ASN A 94 -13.90 12.49 -1.52
N LEU A 95 -14.14 13.15 -0.40
CA LEU A 95 -15.49 13.36 0.12
C LEU A 95 -15.37 14.35 1.29
N PRO A 96 -16.50 14.94 1.72
CA PRO A 96 -16.41 15.91 2.82
C PRO A 96 -15.88 15.32 4.12
N VAL A 97 -15.20 16.16 4.90
CA VAL A 97 -14.65 15.76 6.19
C VAL A 97 -15.69 15.07 7.08
N ALA A 98 -16.89 15.64 7.17
CA ALA A 98 -17.95 15.07 8.00
C ALA A 98 -18.31 13.65 7.57
N GLU A 99 -18.32 13.42 6.26
CA GLU A 99 -18.69 12.12 5.71
C GLU A 99 -17.61 11.07 5.98
N GLN A 100 -16.35 11.45 5.83
CA GLN A 100 -15.24 10.53 6.07
C GLN A 100 -15.21 10.15 7.55
N ALA A 101 -15.39 11.14 8.41
CA ALA A 101 -15.43 10.93 9.85
C ALA A 101 -16.58 10.01 10.24
N ALA A 102 -17.72 10.15 9.57
CA ALA A 102 -18.87 9.29 9.84
C ALA A 102 -18.58 7.84 9.44
N GLN A 103 -17.75 7.66 8.42
CA GLN A 103 -17.37 6.31 8.02
C GLN A 103 -16.44 5.70 9.07
N VAL A 104 -15.56 6.51 9.66
CA VAL A 104 -14.72 6.04 10.76
C VAL A 104 -15.60 5.54 11.90
N GLU A 105 -16.56 6.37 12.29
CA GLU A 105 -17.49 6.00 13.36
C GLU A 105 -18.21 4.70 13.03
N THR A 106 -18.68 4.57 11.79
CA THR A 106 -19.37 3.38 11.33
C THR A 106 -18.52 2.11 11.48
N VAL A 107 -17.22 2.22 11.18
CA VAL A 107 -16.33 1.07 11.33
C VAL A 107 -16.11 0.73 12.81
N LYS A 108 -15.92 1.75 13.64
CA LYS A 108 -15.66 1.51 15.06
CA LYS A 108 -15.70 1.58 15.07
C LYS A 108 -16.91 0.97 15.76
N ARG A 109 -18.09 1.26 15.21
CA ARG A 109 -19.33 0.75 15.79
C ARG A 109 -19.51 -0.75 15.51
N SER A 110 -18.76 -1.28 14.56
CA SER A 110 -18.90 -2.67 14.17
C SER A 110 -17.96 -3.58 14.98
N GLY A 111 -17.58 -3.13 16.16
CA GLY A 111 -16.66 -3.88 17.01
C GLY A 111 -15.33 -3.19 17.17
N GLY A 112 -14.40 -3.83 17.86
CA GLY A 112 -13.05 -3.29 18.01
C GLY A 112 -12.22 -3.51 16.77
N LEU A 113 -12.59 -2.81 15.69
CA LEU A 113 -11.92 -2.99 14.41
C LEU A 113 -10.97 -1.84 14.12
N LEU A 114 -9.75 -2.18 13.68
CA LEU A 114 -8.78 -1.19 13.27
C LEU A 114 -9.24 -0.49 12.00
N VAL A 115 -8.96 0.80 11.89
CA VAL A 115 -9.25 1.53 10.66
C VAL A 115 -8.29 2.72 10.49
N GLY A 116 -7.90 2.96 9.23
CA GLY A 116 -7.11 4.12 8.90
C GLY A 116 -7.87 5.04 7.97
N ALA A 117 -7.35 6.25 7.78
CA ALA A 117 -8.02 7.22 6.92
C ALA A 117 -6.98 8.16 6.32
N ALA A 118 -7.19 8.49 5.04
CA ALA A 118 -6.26 9.34 4.31
C ALA A 118 -6.53 10.84 4.58
N VAL A 119 -5.44 11.60 4.72
CA VAL A 119 -5.50 13.06 4.72
C VAL A 119 -4.48 13.61 3.74
N GLY A 120 -4.73 14.83 3.27
CA GLY A 120 -3.80 15.50 2.38
C GLY A 120 -2.85 16.43 3.14
N VAL A 121 -2.34 17.45 2.45
CA VAL A 121 -1.47 18.42 3.10
C VAL A 121 -1.94 19.85 2.78
N GLY A 122 -3.15 19.94 2.24
CA GLY A 122 -3.78 21.22 1.96
C GLY A 122 -4.19 21.96 3.22
N ASP A 123 -4.95 23.03 3.06
CA ASP A 123 -5.36 23.84 4.20
C ASP A 123 -6.35 23.10 5.07
N ASP A 124 -7.27 22.38 4.43
CA ASP A 124 -8.32 21.66 5.13
C ASP A 124 -7.83 20.32 5.70
N ALA A 125 -6.59 19.97 5.39
CA ALA A 125 -6.01 18.70 5.83
C ALA A 125 -5.95 18.59 7.36
N TRP A 126 -5.51 19.66 8.02
CA TRP A 126 -5.40 19.62 9.48
C TRP A 126 -6.76 19.44 10.12
N GLU A 127 -7.77 20.16 9.62
CA GLU A 127 -9.11 20.06 10.15
C GLU A 127 -9.68 18.67 9.90
N ARG A 128 -9.36 18.11 8.74
CA ARG A 128 -9.78 16.75 8.43
C ARG A 128 -9.16 15.76 9.43
N ALA A 129 -7.87 15.90 9.70
CA ALA A 129 -7.17 14.99 10.62
C ALA A 129 -7.75 15.01 12.03
N MET A 130 -8.06 16.21 12.53
CA MET A 130 -8.60 16.34 13.88
C MET A 130 -10.00 15.73 13.97
N ALA A 131 -10.78 15.89 12.91
CA ALA A 131 -12.11 15.30 12.86
C ALA A 131 -12.04 13.78 12.84
N LEU A 132 -11.03 13.25 12.14
CA LEU A 132 -10.82 11.80 12.12
C LEU A 132 -10.37 11.30 13.49
N ARG A 133 -9.51 12.06 14.15
CA ARG A 133 -9.07 11.69 15.49
C ARG A 133 -10.26 11.63 16.44
N ASP A 134 -11.12 12.63 16.37
CA ASP A 134 -12.32 12.68 17.20
C ASP A 134 -13.24 11.49 16.91
N ALA A 135 -13.24 11.02 15.67
CA ALA A 135 -14.09 9.90 15.28
C ALA A 135 -13.52 8.56 15.76
N GLY A 136 -12.26 8.56 16.20
CA GLY A 136 -11.64 7.38 16.77
C GLY A 136 -10.69 6.61 15.86
N VAL A 137 -10.21 7.26 14.82
CA VAL A 137 -9.35 6.60 13.84
C VAL A 137 -8.06 6.08 14.50
N ASP A 138 -7.51 4.98 13.99
CA ASP A 138 -6.29 4.41 14.57
C ASP A 138 -5.04 4.83 13.82
N VAL A 139 -5.19 5.02 12.50
CA VAL A 139 -4.06 5.34 11.64
C VAL A 139 -4.42 6.49 10.74
N LEU A 140 -3.57 7.52 10.71
CA LEU A 140 -3.74 8.58 9.73
C LEU A 140 -2.70 8.38 8.65
N VAL A 141 -3.13 8.37 7.39
CA VAL A 141 -2.20 8.21 6.30
C VAL A 141 -2.06 9.53 5.58
N VAL A 142 -0.88 10.14 5.70
CA VAL A 142 -0.62 11.36 4.93
C VAL A 142 -0.38 10.90 3.49
N ASP A 143 -1.34 11.23 2.63
CA ASP A 143 -1.61 10.55 1.36
C ASP A 143 -1.24 11.43 0.17
N THR A 144 0.01 11.33 -0.27
CA THR A 144 0.49 12.13 -1.41
C THR A 144 1.20 11.26 -2.44
N ALA A 145 1.43 11.83 -3.62
CA ALA A 145 2.15 11.13 -4.65
C ALA A 145 3.66 11.37 -4.56
N HIS A 146 4.08 12.23 -3.64
CA HIS A 146 5.50 12.56 -3.52
C HIS A 146 5.75 13.15 -2.15
N ALA A 147 6.19 12.33 -1.22
CA ALA A 147 6.32 12.76 0.17
C ALA A 147 7.60 13.55 0.42
N HIS A 148 8.54 13.53 -0.52
CA HIS A 148 9.81 14.23 -0.29
C HIS A 148 9.66 15.73 -0.53
N ASN A 149 9.02 16.38 0.42
CA ASN A 149 8.52 17.74 0.25
C ASN A 149 8.30 18.34 1.63
N ARG A 150 8.73 19.58 1.83
CA ARG A 150 8.66 20.21 3.16
C ARG A 150 7.26 20.20 3.75
N LYS A 151 6.26 20.47 2.91
CA LYS A 151 4.88 20.52 3.39
C LYS A 151 4.39 19.14 3.86
N VAL A 152 4.81 18.08 3.17
CA VAL A 152 4.42 16.74 3.59
C VAL A 152 5.16 16.33 4.87
N LEU A 153 6.46 16.60 4.92
CA LEU A 153 7.25 16.25 6.08
C LEU A 153 6.75 17.02 7.30
N ASP A 154 6.31 18.26 7.09
CA ASP A 154 5.81 19.08 8.20
C ASP A 154 4.50 18.56 8.73
N MET A 155 3.63 18.08 7.84
CA MET A 155 2.35 17.53 8.25
CA MET A 155 2.34 17.53 8.23
C MET A 155 2.54 16.25 9.05
N VAL A 156 3.45 15.38 8.59
CA VAL A 156 3.77 14.17 9.32
C VAL A 156 4.26 14.52 10.73
N HIS A 157 5.22 15.45 10.80
CA HIS A 157 5.81 15.85 12.08
C HIS A 157 4.76 16.48 13.02
N ARG A 158 3.96 17.39 12.50
CA ARG A 158 2.95 18.04 13.31
C ARG A 158 1.97 17.06 13.85
N LEU A 159 1.51 16.16 13.00
CA LEU A 159 0.61 15.10 13.46
C LEU A 159 1.23 14.23 14.54
N LYS A 160 2.44 13.78 14.32
N LYS A 160 2.45 13.76 14.33
CA LYS A 160 3.09 12.94 15.28
CA LYS A 160 3.10 12.92 15.32
C LYS A 160 3.24 13.63 16.62
C LYS A 160 3.23 13.63 16.64
N THR A 161 3.62 14.87 16.60
CA THR A 161 3.83 15.60 17.85
C THR A 161 2.50 15.93 18.54
N THR A 162 1.44 16.07 17.77
CA THR A 162 0.14 16.47 18.33
C THR A 162 -0.71 15.28 18.78
N VAL A 163 -0.87 14.27 17.92
CA VAL A 163 -1.73 13.14 18.26
C VAL A 163 -1.00 11.80 18.30
N GLY A 164 0.32 11.85 18.28
CA GLY A 164 1.15 10.66 18.12
C GLY A 164 1.00 9.59 19.18
N ASP A 165 0.64 9.98 20.40
CA ASP A 165 0.48 9.01 21.48
C ASP A 165 -0.71 8.08 21.24
N GLU A 166 -1.72 8.57 20.54
CA GLU A 166 -2.95 7.81 20.34
C GLU A 166 -3.11 7.28 18.91
N ILE A 167 -2.48 7.95 17.97
CA ILE A 167 -2.66 7.63 16.55
C ILE A 167 -1.32 7.39 15.88
N GLU A 168 -1.26 6.36 15.05
CA GLU A 168 -0.07 6.08 14.25
C GLU A 168 -0.12 6.87 12.96
N VAL A 169 1.00 7.47 12.57
CA VAL A 169 1.04 8.31 11.38
C VAL A 169 1.88 7.71 10.25
N VAL A 170 1.23 7.39 9.14
CA VAL A 170 1.90 6.84 7.95
C VAL A 170 2.20 7.98 6.98
N GLY A 171 3.38 7.99 6.39
CA GLY A 171 3.72 8.98 5.39
C GLY A 171 4.05 8.30 4.06
N GLY A 172 3.75 8.96 2.96
CA GLY A 172 4.03 8.42 1.64
C GLY A 172 3.50 9.35 0.56
N ASN A 173 3.80 9.07 -0.70
CA ASN A 173 4.58 7.92 -1.12
C ASN A 173 6.00 8.30 -1.49
N VAL A 174 6.92 7.34 -1.36
CA VAL A 174 8.31 7.57 -1.76
C VAL A 174 8.78 6.49 -2.72
N ALA A 175 9.87 6.76 -3.42
CA ALA A 175 10.45 5.76 -4.31
C ALA A 175 11.96 5.72 -4.20
N THR A 176 12.53 6.53 -3.30
CA THR A 176 13.98 6.59 -3.14
C THR A 176 14.40 6.47 -1.67
N ARG A 177 15.65 6.07 -1.46
CA ARG A 177 16.21 5.94 -0.11
C ARG A 177 16.18 7.27 0.64
N ALA A 178 16.60 8.35 0.00
CA ALA A 178 16.65 9.65 0.67
C ALA A 178 15.26 10.13 1.09
N ALA A 179 14.26 9.85 0.26
CA ALA A 179 12.89 10.26 0.58
C ALA A 179 12.38 9.51 1.80
N ALA A 180 12.63 8.21 1.82
CA ALA A 180 12.24 7.37 2.96
C ALA A 180 12.96 7.87 4.22
N ALA A 181 14.25 8.17 4.09
CA ALA A 181 15.03 8.68 5.22
C ALA A 181 14.41 9.96 5.80
N ALA A 182 13.97 10.85 4.90
CA ALA A 182 13.39 12.11 5.32
C ALA A 182 12.10 11.90 6.09
N LEU A 183 11.27 10.95 5.66
CA LEU A 183 10.04 10.64 6.39
C LEU A 183 10.35 10.03 7.75
N VAL A 184 11.40 9.21 7.81
CA VAL A 184 11.78 8.62 9.10
C VAL A 184 12.16 9.72 10.09
N GLU A 185 12.99 10.66 9.64
CA GLU A 185 13.44 11.76 10.49
C GLU A 185 12.26 12.64 10.90
N ALA A 186 11.26 12.76 10.03
CA ALA A 186 10.05 13.52 10.33
C ALA A 186 9.17 12.85 11.37
N GLY A 187 9.41 11.57 11.64
CA GLY A 187 8.70 10.85 12.68
C GLY A 187 7.65 9.87 12.22
N ALA A 188 7.68 9.50 10.94
CA ALA A 188 6.67 8.57 10.40
C ALA A 188 6.70 7.24 11.13
N ASP A 189 5.53 6.66 11.37
CA ASP A 189 5.45 5.35 12.01
C ASP A 189 5.47 4.23 10.99
N ALA A 190 5.34 4.60 9.72
CA ALA A 190 5.48 3.68 8.59
C ALA A 190 5.67 4.51 7.34
N VAL A 191 6.38 3.94 6.37
CA VAL A 191 6.67 4.65 5.12
C VAL A 191 6.06 3.88 3.96
N LYS A 192 5.29 4.58 3.14
CA LYS A 192 4.60 3.91 2.03
C LYS A 192 5.34 4.16 0.71
N VAL A 193 5.58 3.09 -0.04
CA VAL A 193 6.44 3.12 -1.21
C VAL A 193 5.66 2.83 -2.46
N GLY A 194 5.81 3.71 -3.45
CA GLY A 194 5.19 3.53 -4.75
C GLY A 194 4.99 4.87 -5.44
N VAL A 195 5.90 5.24 -6.33
CA VAL A 195 5.67 6.40 -7.19
C VAL A 195 5.64 5.88 -8.63
N GLY A 196 4.45 5.85 -9.22
CA GLY A 196 4.27 5.33 -10.55
C GLY A 196 3.88 3.88 -10.85
N PRO A 197 3.83 2.97 -9.85
CA PRO A 197 3.63 1.58 -10.27
C PRO A 197 2.18 1.12 -10.40
N GLY A 198 1.23 1.95 -9.99
CA GLY A 198 -0.17 1.53 -9.93
C GLY A 198 -0.73 1.07 -11.26
N SER A 199 -1.62 0.08 -11.19
CA SER A 199 -2.22 -0.47 -12.40
C SER A 199 -2.94 0.59 -13.25
N ILE A 200 -3.54 1.58 -12.60
CA ILE A 200 -4.30 2.63 -13.28
C ILE A 200 -3.49 3.93 -13.43
N CYS A 201 -2.19 3.82 -13.22
CA CYS A 201 -1.30 4.99 -13.22
C CYS A 201 -0.84 5.39 -14.62
N THR A 202 -0.85 6.68 -14.91
CA THR A 202 -0.25 7.14 -16.16
C THR A 202 0.90 8.14 -15.93
N THR A 203 1.33 8.25 -14.68
CA THR A 203 2.43 9.16 -14.33
C THR A 203 3.68 8.87 -15.17
N ARG A 204 3.93 7.60 -15.41
CA ARG A 204 5.09 7.20 -16.19
CA ARG A 204 5.08 7.18 -16.20
C ARG A 204 5.01 7.71 -17.64
N VAL A 205 3.81 7.82 -18.21
CA VAL A 205 3.76 8.33 -19.59
C VAL A 205 3.49 9.84 -19.63
N VAL A 206 2.81 10.36 -18.60
CA VAL A 206 2.47 11.77 -18.57
C VAL A 206 3.65 12.62 -18.12
N ALA A 207 4.30 12.18 -17.05
CA ALA A 207 5.41 12.94 -16.47
C ALA A 207 6.75 12.31 -16.80
N GLY A 208 6.75 11.03 -17.19
CA GLY A 208 8.00 10.34 -17.45
C GLY A 208 8.72 9.97 -16.18
N VAL A 209 7.99 9.97 -15.06
CA VAL A 209 8.55 9.78 -13.73
C VAL A 209 8.12 8.44 -13.15
N GLY A 210 9.02 7.74 -12.48
CA GLY A 210 8.63 6.53 -11.80
C GLY A 210 9.83 5.78 -11.26
N ALA A 211 9.57 4.69 -10.57
CA ALA A 211 10.62 3.84 -10.02
C ALA A 211 10.07 2.45 -9.87
N PRO A 212 10.65 1.49 -10.60
CA PRO A 212 10.19 0.09 -10.52
C PRO A 212 10.15 -0.40 -9.07
N GLN A 213 9.13 -1.17 -8.71
CA GLN A 213 8.77 -1.33 -7.30
C GLN A 213 9.67 -2.25 -6.49
N ILE A 214 10.32 -3.25 -7.10
CA ILE A 214 11.19 -4.08 -6.26
C ILE A 214 12.38 -3.25 -5.82
N THR A 215 12.97 -2.52 -6.77
CA THR A 215 14.09 -1.64 -6.45
C THR A 215 13.70 -0.52 -5.48
N ALA A 216 12.52 0.06 -5.66
CA ALA A 216 12.04 1.10 -4.76
C ALA A 216 11.90 0.58 -3.32
N ILE A 217 11.40 -0.65 -3.17
CA ILE A 217 11.23 -1.25 -1.84
C ILE A 217 12.60 -1.53 -1.20
N LEU A 218 13.51 -2.10 -1.98
CA LEU A 218 14.87 -2.36 -1.48
C LEU A 218 15.53 -1.08 -0.98
N GLU A 219 15.38 0.00 -1.74
CA GLU A 219 15.98 1.27 -1.36
C GLU A 219 15.31 1.88 -0.12
N ALA A 220 13.98 1.83 -0.07
CA ALA A 220 13.26 2.41 1.07
C ALA A 220 13.59 1.63 2.35
N VAL A 221 13.62 0.32 2.22
CA VAL A 221 13.93 -0.55 3.36
C VAL A 221 15.33 -0.29 3.91
N ALA A 222 16.29 0.01 3.04
CA ALA A 222 17.65 0.32 3.47
C ALA A 222 17.66 1.56 4.37
N ALA A 223 16.70 2.45 4.19
CA ALA A 223 16.60 3.63 5.04
C ALA A 223 15.69 3.45 6.27
N CYS A 224 14.66 2.61 6.16
CA CYS A 224 13.66 2.48 7.21
C CYS A 224 13.96 1.38 8.23
N ALA A 225 14.42 0.23 7.75
CA ALA A 225 14.66 -0.92 8.63
C ALA A 225 15.67 -0.59 9.76
N PRO A 226 16.75 0.14 9.46
CA PRO A 226 17.67 0.39 10.58
C PRO A 226 17.07 1.27 11.69
N HIS A 227 15.95 1.92 11.40
CA HIS A 227 15.24 2.74 12.38
C HIS A 227 13.97 2.06 12.90
N GLY A 228 13.76 0.81 12.51
CA GLY A 228 12.60 0.06 12.97
C GLY A 228 11.27 0.55 12.43
N VAL A 229 11.30 1.19 11.26
CA VAL A 229 10.10 1.71 10.62
C VAL A 229 9.68 0.77 9.47
N PRO A 230 8.46 0.21 9.53
CA PRO A 230 7.89 -0.71 8.53
C PRO A 230 7.63 0.00 7.23
N VAL A 231 7.84 -0.71 6.13
CA VAL A 231 7.57 -0.21 4.79
C VAL A 231 6.30 -0.85 4.23
N ILE A 232 5.40 -0.02 3.70
CA ILE A 232 4.18 -0.50 3.04
C ILE A 232 4.42 -0.44 1.53
N ALA A 233 4.37 -1.59 0.87
CA ALA A 233 4.49 -1.63 -0.60
C ALA A 233 3.15 -1.30 -1.26
N ASP A 234 3.10 -0.17 -1.96
CA ASP A 234 1.85 0.36 -2.49
C ASP A 234 1.85 0.48 -4.02
N GLY A 235 1.12 -0.41 -4.68
CA GLY A 235 0.91 -0.28 -6.11
C GLY A 235 1.67 -1.31 -6.92
N GLY A 236 1.03 -1.78 -7.98
CA GLY A 236 1.71 -2.63 -8.94
C GLY A 236 1.58 -4.12 -8.63
N LEU A 237 0.91 -4.44 -7.55
CA LEU A 237 0.72 -5.85 -7.19
C LEU A 237 -0.46 -6.40 -7.98
N GLN A 238 -0.20 -7.43 -8.79
CA GLN A 238 -1.31 -7.98 -9.58
C GLN A 238 -1.59 -9.46 -9.33
N TYR A 239 -0.69 -10.14 -8.63
CA TYR A 239 -0.87 -11.56 -8.29
C TYR A 239 -0.55 -11.78 -6.83
N SER A 240 -1.08 -12.85 -6.23
CA SER A 240 -0.73 -13.17 -4.86
C SER A 240 0.78 -13.34 -4.72
N GLY A 241 1.43 -13.84 -5.77
CA GLY A 241 2.88 -14.00 -5.75
C GLY A 241 3.64 -12.69 -5.60
N ASP A 242 3.03 -11.58 -6.06
CA ASP A 242 3.68 -10.27 -5.93
C ASP A 242 3.71 -9.81 -4.47
N ILE A 243 2.75 -10.26 -3.68
CA ILE A 243 2.73 -9.93 -2.27
C ILE A 243 3.92 -10.58 -1.58
N ALA A 244 4.20 -11.84 -1.88
CA ALA A 244 5.36 -12.52 -1.33
C ALA A 244 6.65 -11.81 -1.75
N LYS A 245 6.72 -11.40 -3.02
CA LYS A 245 7.93 -10.73 -3.50
C LYS A 245 8.13 -9.40 -2.79
N ALA A 246 7.05 -8.65 -2.62
CA ALA A 246 7.13 -7.35 -1.96
C ALA A 246 7.65 -7.48 -0.53
N LEU A 247 7.11 -8.47 0.20
CA LEU A 247 7.55 -8.69 1.58
C LEU A 247 8.99 -9.21 1.61
N ALA A 248 9.34 -10.08 0.68
CA ALA A 248 10.70 -10.59 0.64
C ALA A 248 11.71 -9.50 0.32
N ALA A 249 11.30 -8.51 -0.48
CA ALA A 249 12.16 -7.36 -0.75
C ALA A 249 12.36 -6.51 0.50
N GLY A 250 11.55 -6.76 1.53
CA GLY A 250 11.72 -6.09 2.80
C GLY A 250 10.52 -5.32 3.31
N ALA A 251 9.47 -5.19 2.49
CA ALA A 251 8.24 -4.55 2.94
C ALA A 251 7.61 -5.36 4.07
N SER A 252 6.82 -4.69 4.91
CA SER A 252 6.14 -5.36 6.01
C SER A 252 4.67 -5.61 5.71
N THR A 253 4.08 -4.75 4.89
CA THR A 253 2.71 -4.95 4.40
C THR A 253 2.62 -4.52 2.94
N ALA A 254 1.51 -4.91 2.30
CA ALA A 254 1.25 -4.48 0.94
C ALA A 254 -0.12 -3.80 0.88
N MET A 255 -0.19 -2.71 0.12
CA MET A 255 -1.46 -2.01 -0.09
C MET A 255 -1.98 -2.37 -1.48
N LEU A 256 -3.25 -2.72 -1.56
CA LEU A 256 -3.83 -3.26 -2.80
C LEU A 256 -5.00 -2.43 -3.26
N GLY A 257 -5.00 -2.12 -4.55
CA GLY A 257 -6.10 -1.41 -5.18
C GLY A 257 -6.84 -2.33 -6.13
N SER A 258 -6.24 -2.60 -7.28
CA SER A 258 -6.84 -3.41 -8.34
CA SER A 258 -6.87 -3.40 -8.32
C SER A 258 -7.30 -4.79 -7.84
N LEU A 259 -6.50 -5.41 -6.99
CA LEU A 259 -6.84 -6.76 -6.55
C LEU A 259 -8.08 -6.82 -5.66
N LEU A 260 -8.46 -5.68 -5.07
CA LEU A 260 -9.62 -5.62 -4.18
C LEU A 260 -10.81 -4.86 -4.78
N ALA A 261 -10.57 -4.11 -5.85
CA ALA A 261 -11.63 -3.30 -6.48
C ALA A 261 -12.75 -4.14 -7.10
N GLY A 262 -12.48 -5.40 -7.38
CA GLY A 262 -13.52 -6.22 -7.99
C GLY A 262 -14.44 -6.91 -6.98
N THR A 263 -14.27 -6.62 -5.70
CA THR A 263 -14.97 -7.36 -4.66
C THR A 263 -16.33 -6.76 -4.34
N ALA A 264 -17.18 -7.57 -3.72
CA ALA A 264 -18.53 -7.14 -3.36
C ALA A 264 -18.50 -5.93 -2.44
N GLU A 265 -17.50 -5.87 -1.57
CA GLU A 265 -17.42 -4.82 -0.55
C GLU A 265 -16.90 -3.49 -1.05
N SER A 266 -16.35 -3.45 -2.27
CA SER A 266 -15.87 -2.19 -2.82
C SER A 266 -17.05 -1.32 -3.24
N PRO A 267 -16.86 0.02 -3.24
CA PRO A 267 -17.94 0.90 -3.68
C PRO A 267 -18.28 0.66 -5.14
N GLY A 268 -19.48 1.01 -5.54
CA GLY A 268 -19.86 0.86 -6.92
C GLY A 268 -20.71 -0.33 -7.27
N GLU A 269 -21.33 -0.25 -8.43
CA GLU A 269 -22.20 -1.29 -8.92
C GLU A 269 -21.52 -2.21 -9.88
N LEU A 270 -22.13 -3.35 -10.11
CA LEU A 270 -21.72 -4.28 -11.12
C LEU A 270 -21.96 -3.70 -12.48
N ILE A 271 -21.08 -4.01 -13.40
CA ILE A 271 -21.21 -3.61 -14.79
C ILE A 271 -21.15 -4.82 -15.68
N LEU A 272 -22.07 -4.93 -16.59
CA LEU A 272 -22.10 -6.04 -17.51
C LEU A 272 -21.63 -5.62 -18.87
N VAL A 273 -20.54 -6.20 -19.33
CA VAL A 273 -20.11 -5.98 -20.70
C VAL A 273 -19.78 -7.31 -21.37
N ASN A 274 -20.37 -7.53 -22.54
CA ASN A 274 -20.17 -8.76 -23.29
C ASN A 274 -20.38 -10.01 -22.45
N GLY A 275 -21.44 -10.01 -21.65
CA GLY A 275 -21.82 -11.17 -20.87
C GLY A 275 -20.94 -11.46 -19.67
N LYS A 276 -20.05 -10.52 -19.34
CA LYS A 276 -19.15 -10.71 -18.21
C LYS A 276 -19.30 -9.59 -17.18
N GLN A 277 -19.06 -9.91 -15.91
CA GLN A 277 -19.27 -8.96 -14.82
C GLN A 277 -17.99 -8.22 -14.45
N PHE A 278 -18.11 -6.91 -14.28
CA PHE A 278 -16.99 -6.04 -13.92
C PHE A 278 -17.42 -5.01 -12.89
N LYS A 279 -16.45 -4.32 -12.31
CA LYS A 279 -16.72 -3.13 -11.50
C LYS A 279 -15.78 -2.06 -12.00
N SER A 280 -16.17 -0.80 -11.82
CA SER A 280 -15.31 0.31 -12.22
C SER A 280 -14.18 0.45 -11.19
N TYR A 281 -13.02 0.82 -11.71
CA TYR A 281 -11.84 1.05 -10.88
C TYR A 281 -11.15 2.23 -11.52
N ARG A 282 -10.94 3.28 -10.75
CA ARG A 282 -10.36 4.49 -11.33
C ARG A 282 -9.30 5.08 -10.44
N GLY A 283 -8.29 5.67 -11.06
CA GLY A 283 -7.28 6.38 -10.32
C GLY A 283 -7.84 7.61 -9.64
N MET A 284 -7.26 7.96 -8.49
CA MET A 284 -7.64 9.18 -7.80
C MET A 284 -7.13 10.41 -8.54
N GLY A 285 -6.27 10.17 -9.53
CA GLY A 285 -5.76 11.21 -10.40
C GLY A 285 -6.41 11.18 -11.78
N SER A 286 -7.47 10.40 -11.92
CA SER A 286 -8.21 10.34 -13.18
C SER A 286 -9.09 11.58 -13.28
N LEU A 287 -9.52 11.91 -14.49
CA LEU A 287 -10.35 13.09 -14.69
C LEU A 287 -11.63 12.97 -13.85
N GLY A 288 -12.24 11.79 -13.86
CA GLY A 288 -13.45 11.55 -13.11
C GLY A 288 -13.32 11.73 -11.61
N ALA A 289 -12.18 11.31 -11.05
CA ALA A 289 -11.96 11.43 -9.61
C ALA A 289 -11.72 12.88 -9.21
N MET A 290 -11.02 13.62 -10.07
CA MET A 290 -10.68 14.99 -9.76
C MET A 290 -11.90 15.92 -9.92
N GLN A 291 -12.84 15.53 -10.73
CA GLN A 291 -14.04 16.34 -10.90
C GLN A 291 -15.13 15.97 -9.93
N VAL A 316 -4.29 18.00 -15.39
CA VAL A 316 -3.47 17.01 -16.08
C VAL A 316 -3.54 15.68 -15.34
N PRO A 317 -4.40 14.78 -15.83
CA PRO A 317 -4.66 13.51 -15.12
C PRO A 317 -3.44 12.60 -15.11
N GLU A 318 -3.26 11.89 -14.00
CA GLU A 318 -2.18 10.92 -13.88
C GLU A 318 -2.73 9.54 -13.55
N GLY A 319 -4.01 9.34 -13.86
CA GLY A 319 -4.63 8.03 -13.74
C GLY A 319 -5.74 7.85 -14.76
N ILE A 320 -6.13 6.60 -14.99
CA ILE A 320 -7.23 6.29 -15.89
C ILE A 320 -8.43 5.76 -15.13
N GLU A 321 -9.57 5.73 -15.83
CA GLU A 321 -10.76 5.07 -15.34
C GLU A 321 -10.87 3.77 -16.10
N GLY A 322 -10.98 2.66 -15.37
CA GLY A 322 -11.00 1.35 -16.00
C GLY A 322 -12.04 0.40 -15.42
N ARG A 323 -11.92 -0.88 -15.79
CA ARG A 323 -12.76 -1.93 -15.24
C ARG A 323 -11.88 -3.06 -14.70
N VAL A 324 -12.37 -3.75 -13.68
CA VAL A 324 -11.74 -4.95 -13.18
C VAL A 324 -12.81 -6.02 -13.12
N PRO A 325 -12.42 -7.29 -13.30
CA PRO A 325 -13.44 -8.35 -13.20
C PRO A 325 -14.04 -8.43 -11.80
N PHE A 326 -15.34 -8.75 -11.74
CA PHE A 326 -15.99 -8.95 -10.46
C PHE A 326 -15.45 -10.21 -9.83
N ARG A 327 -15.09 -10.13 -8.56
CA ARG A 327 -14.41 -11.19 -7.89
C ARG A 327 -15.16 -11.87 -6.77
N GLY A 328 -16.31 -11.36 -6.43
CA GLY A 328 -17.07 -11.91 -5.32
C GLY A 328 -16.67 -11.32 -3.98
N PRO A 329 -16.96 -12.05 -2.89
CA PRO A 329 -16.73 -11.54 -1.53
C PRO A 329 -15.25 -11.28 -1.24
N LEU A 330 -14.98 -10.24 -0.47
CA LEU A 330 -13.62 -9.88 -0.08
C LEU A 330 -12.96 -11.01 0.71
N SER A 331 -13.72 -11.62 1.61
CA SER A 331 -13.17 -12.66 2.48
C SER A 331 -12.51 -13.75 1.66
N THR A 332 -13.14 -14.10 0.55
CA THR A 332 -12.63 -15.17 -0.30
C THR A 332 -11.40 -14.74 -1.10
N VAL A 333 -11.41 -13.50 -1.60
CA VAL A 333 -10.22 -12.97 -2.28
C VAL A 333 -9.02 -12.94 -1.33
N ILE A 334 -9.21 -12.45 -0.12
CA ILE A 334 -8.14 -12.40 0.85
C ILE A 334 -7.63 -13.80 1.16
N HIS A 335 -8.54 -14.76 1.31
CA HIS A 335 -8.14 -16.15 1.53
C HIS A 335 -7.22 -16.69 0.43
N GLN A 336 -7.56 -16.37 -0.81
CA GLN A 336 -6.74 -16.81 -1.94
C GLN A 336 -5.39 -16.10 -1.96
N LEU A 337 -5.39 -14.80 -1.67
CA LEU A 337 -4.15 -14.05 -1.64
C LEU A 337 -3.23 -14.57 -0.53
N VAL A 338 -3.80 -14.76 0.66
CA VAL A 338 -3.01 -15.25 1.80
C VAL A 338 -2.53 -16.69 1.55
N GLY A 339 -3.35 -17.47 0.87
CA GLY A 339 -2.97 -18.83 0.49
C GLY A 339 -1.70 -18.86 -0.34
N GLY A 340 -1.58 -17.88 -1.25
CA GLY A 340 -0.42 -17.78 -2.10
C GLY A 340 0.79 -17.39 -1.27
N LEU A 341 0.59 -16.43 -0.37
CA LEU A 341 1.66 -16.01 0.54
C LEU A 341 2.13 -17.16 1.41
N ARG A 342 1.17 -17.93 1.93
CA ARG A 342 1.53 -19.09 2.77
C ARG A 342 2.37 -20.10 1.99
N ALA A 343 2.03 -20.29 0.72
CA ALA A 343 2.79 -21.21 -0.12
C ALA A 343 4.24 -20.69 -0.27
N ALA A 344 4.37 -19.39 -0.52
CA ALA A 344 5.70 -18.80 -0.64
C ALA A 344 6.51 -19.01 0.64
N MET A 345 5.84 -18.89 1.78
CA MET A 345 6.52 -19.06 3.06
C MET A 345 6.96 -20.51 3.24
N GLY A 346 6.14 -21.45 2.79
CA GLY A 346 6.54 -22.85 2.78
C GLY A 346 7.76 -23.12 1.90
N TYR A 347 7.75 -22.59 0.68
CA TYR A 347 8.85 -22.80 -0.26
C TYR A 347 10.17 -22.20 0.24
N THR A 348 10.08 -21.06 0.92
CA THR A 348 11.26 -20.33 1.34
C THR A 348 11.68 -20.65 2.77
N GLY A 349 10.92 -21.51 3.45
CA GLY A 349 11.26 -21.87 4.82
C GLY A 349 11.12 -20.69 5.78
N SER A 350 10.16 -19.82 5.49
CA SER A 350 9.90 -18.65 6.32
C SER A 350 8.75 -18.89 7.29
N ALA A 351 9.06 -18.97 8.59
CA ALA A 351 8.02 -19.28 9.56
C ALA A 351 7.22 -18.04 9.89
N THR A 352 7.83 -16.88 9.63
CA THR A 352 7.25 -15.58 9.96
C THR A 352 7.53 -14.62 8.82
N ILE A 353 6.83 -13.48 8.79
CA ILE A 353 7.09 -12.45 7.79
C ILE A 353 8.51 -11.90 7.96
N GLU A 354 8.96 -11.74 9.19
CA GLU A 354 10.33 -11.33 9.45
C GLU A 354 11.36 -12.27 8.79
N GLU A 355 11.08 -13.56 8.75
CA GLU A 355 11.97 -14.46 8.05
C GLU A 355 11.84 -14.33 6.54
N LEU A 356 10.64 -14.14 6.05
CA LEU A 356 10.41 -13.97 4.61
C LEU A 356 11.17 -12.75 4.09
N GLN A 357 11.27 -11.70 4.91
CA GLN A 357 12.03 -10.50 4.54
C GLN A 357 13.52 -10.77 4.29
N GLN A 358 13.99 -11.96 4.66
CA GLN A 358 15.39 -12.33 4.43
C GLN A 358 15.59 -13.35 3.32
N ALA A 359 14.51 -13.63 2.58
CA ALA A 359 14.59 -14.56 1.44
C ALA A 359 15.38 -13.95 0.29
N GLN A 360 15.81 -14.80 -0.64
CA GLN A 360 16.60 -14.34 -1.76
C GLN A 360 15.84 -14.45 -3.09
N PHE A 361 16.22 -13.61 -4.05
CA PHE A 361 15.63 -13.63 -5.38
C PHE A 361 16.54 -14.22 -6.44
N VAL A 362 15.95 -14.68 -7.53
CA VAL A 362 16.70 -14.84 -8.77
C VAL A 362 16.13 -13.87 -9.80
N GLN A 363 16.99 -13.18 -10.54
CA GLN A 363 16.50 -12.27 -11.57
C GLN A 363 16.24 -13.06 -12.85
N ILE A 364 15.13 -12.79 -13.54
CA ILE A 364 14.82 -13.58 -14.73
C ILE A 364 14.91 -12.71 -15.97
N THR A 365 14.93 -13.34 -17.13
CA THR A 365 15.00 -12.59 -18.38
C THR A 365 13.62 -12.45 -19.00
N ALA A 366 13.57 -11.75 -20.12
CA ALA A 366 12.33 -11.60 -20.88
C ALA A 366 11.73 -12.95 -21.25
N ALA A 367 12.59 -13.91 -21.60
CA ALA A 367 12.13 -15.22 -22.03
C ALA A 367 11.35 -15.91 -20.93
N GLY A 368 11.73 -15.67 -19.68
CA GLY A 368 10.90 -16.07 -18.55
C GLY A 368 9.67 -15.19 -18.50
N LEU A 369 8.80 -15.31 -19.49
CA LEU A 369 7.58 -14.50 -19.56
C LEU A 369 6.71 -14.73 -18.34
#